data_8J8Y
#
_entry.id   8J8Y
#
_cell.length_a   96.533
_cell.length_b   96.533
_cell.length_c   54.188
_cell.angle_alpha   90.000
_cell.angle_beta   90.000
_cell.angle_gamma   120.000
#
_symmetry.space_group_name_H-M   'P 65'
#
loop_
_entity.id
_entity.type
_entity.pdbx_description
1 polymer 'Immunodominant membrane protein'
2 water water
#
_entity_poly.entity_id   1
_entity_poly.type   'polypeptide(L)'
_entity_poly.pdbx_seq_one_letter_code
;MTAKLLHWAPFTIKTLTTKDIDNLKVEIKDFTGLNTKDKLSSDDAKQESQKAFDAINKIVDAFAENNKADIKDKKISDST
IAAANNLKTKADNALKFVNENASVTNWTDDRVQDFVNNKVVKTKEINDLLSQAKTDLKLQS
;
_entity_poly.pdbx_strand_id   A,B
#
# COMPACT_ATOMS: atom_id res chain seq x y z
N THR A 12 -1.86 -15.27 -27.55
CA THR A 12 -3.14 -14.58 -27.51
C THR A 12 -3.01 -13.19 -26.92
N ILE A 13 -3.63 -12.23 -27.60
CA ILE A 13 -3.54 -10.82 -27.23
C ILE A 13 -4.42 -10.54 -26.02
N LYS A 14 -3.89 -9.77 -25.06
CA LYS A 14 -4.57 -9.54 -23.80
C LYS A 14 -4.11 -8.20 -23.21
N THR A 15 -5.07 -7.32 -22.94
CA THR A 15 -4.83 -5.97 -22.47
C THR A 15 -5.31 -5.81 -21.02
N LEU A 16 -4.81 -4.76 -20.38
CA LEU A 16 -5.08 -4.52 -18.97
C LEU A 16 -6.43 -3.85 -18.76
N THR A 17 -7.16 -4.32 -17.75
CA THR A 17 -8.39 -3.71 -17.27
C THR A 17 -8.11 -2.89 -16.02
N THR A 18 -9.12 -2.15 -15.57
CA THR A 18 -9.00 -1.42 -14.30
C THR A 18 -8.74 -2.37 -13.14
N LYS A 19 -9.25 -3.61 -13.23
CA LYS A 19 -9.08 -4.56 -12.14
C LYS A 19 -7.65 -5.06 -12.06
N ASP A 20 -7.01 -5.33 -13.20
CA ASP A 20 -5.61 -5.75 -13.19
C ASP A 20 -4.71 -4.65 -12.63
N ILE A 21 -4.94 -3.40 -13.04
CA ILE A 21 -4.13 -2.30 -12.55
C ILE A 21 -4.32 -2.13 -11.05
N ASP A 22 -5.58 -2.22 -10.57
CA ASP A 22 -5.80 -2.19 -9.13
C ASP A 22 -5.14 -3.37 -8.44
N ASN A 23 -5.04 -4.51 -9.12
CA ASN A 23 -4.38 -5.69 -8.58
C ASN A 23 -2.87 -5.55 -8.57
N LEU A 24 -2.33 -4.54 -9.26
CA LEU A 24 -0.90 -4.29 -9.24
C LEU A 24 -0.48 -3.35 -8.11
N LYS A 25 -1.43 -2.78 -7.39
CA LYS A 25 -1.13 -1.86 -6.29
C LYS A 25 -0.46 -2.56 -5.13
N VAL A 26 0.49 -1.86 -4.49
CA VAL A 26 1.16 -2.34 -3.29
CA VAL A 26 1.15 -2.34 -3.28
C VAL A 26 1.36 -1.16 -2.35
N GLU A 27 1.33 -1.42 -1.05
CA GLU A 27 1.59 -0.41 -0.03
C GLU A 27 2.97 -0.66 0.56
N ILE A 28 3.80 0.38 0.58
CA ILE A 28 5.14 0.33 1.15
C ILE A 28 5.14 1.04 2.50
N LYS A 29 5.88 0.48 3.46
CA LYS A 29 5.99 1.11 4.78
C LYS A 29 6.57 2.51 4.65
N ASP A 30 5.99 3.45 5.40
CA ASP A 30 6.46 4.83 5.45
C ASP A 30 7.58 4.93 6.49
N PHE A 31 8.77 5.36 6.04
CA PHE A 31 9.94 5.45 6.92
C PHE A 31 10.32 6.89 7.24
N THR A 32 9.40 7.83 7.06
CA THR A 32 9.76 9.26 7.03
CA THR A 32 9.68 9.22 7.33
C THR A 32 10.72 9.71 8.16
C THR A 32 9.96 9.38 8.81
N GLY A 33 10.30 9.69 9.42
N GLY A 33 10.98 10.16 9.11
CA GLY A 33 11.10 10.25 10.52
CA GLY A 33 11.31 10.39 10.48
C GLY A 33 12.15 9.33 11.13
N LEU A 34 12.42 8.20 10.48
CA LEU A 34 13.34 7.19 11.00
C LEU A 34 14.75 7.53 10.52
N ASN A 35 15.57 8.08 11.41
CA ASN A 35 16.87 8.61 11.01
C ASN A 35 18.05 7.96 11.73
N THR A 36 17.83 6.88 12.47
CA THR A 36 18.90 6.17 13.16
C THR A 36 18.73 4.67 12.91
N LYS A 37 19.83 3.94 13.13
CA LYS A 37 19.82 2.49 12.91
C LYS A 37 18.95 1.75 13.92
N ASP A 38 18.77 2.29 15.13
CA ASP A 38 17.88 1.61 16.07
C ASP A 38 16.40 1.81 15.75
N LYS A 39 16.05 2.82 14.96
CA LYS A 39 14.67 3.03 14.55
C LYS A 39 14.33 2.41 13.20
N LEU A 40 15.32 2.07 12.39
CA LEU A 40 15.08 1.37 11.13
C LEU A 40 16.18 0.32 10.95
N SER A 41 15.80 -0.95 11.05
CA SER A 41 16.76 -2.03 10.84
C SER A 41 16.98 -2.27 9.36
N SER A 42 18.17 -2.78 9.03
CA SER A 42 18.46 -3.11 7.64
C SER A 42 17.56 -4.22 7.12
N ASP A 43 17.07 -5.09 8.01
CA ASP A 43 16.15 -6.14 7.59
C ASP A 43 14.81 -5.57 7.12
N ASP A 44 14.27 -4.60 7.86
CA ASP A 44 13.02 -3.98 7.46
C ASP A 44 13.18 -3.20 6.16
N ALA A 45 14.25 -2.42 6.06
CA ALA A 45 14.54 -1.70 4.82
C ALA A 45 14.66 -2.67 3.65
N LYS A 46 15.34 -3.79 3.85
CA LYS A 46 15.50 -4.78 2.79
C LYS A 46 14.15 -5.38 2.39
N GLN A 47 13.32 -5.72 3.37
CA GLN A 47 12.03 -6.31 3.08
C GLN A 47 11.15 -5.36 2.28
N GLU A 48 11.10 -4.08 2.69
CA GLU A 48 10.26 -3.12 1.98
C GLU A 48 10.82 -2.82 0.60
N SER A 49 12.15 -2.75 0.45
CA SER A 49 12.74 -2.52 -0.85
C SER A 49 12.49 -3.69 -1.79
N GLN A 50 12.54 -4.91 -1.26
CA GLN A 50 12.23 -6.09 -2.06
C GLN A 50 10.77 -6.07 -2.50
N LYS A 51 9.87 -5.70 -1.59
CA LYS A 51 8.45 -5.56 -1.94
C LYS A 51 8.27 -4.59 -3.10
N ALA A 52 8.85 -3.39 -2.98
CA ALA A 52 8.71 -2.38 -4.03
C ALA A 52 9.32 -2.86 -5.35
N PHE A 53 10.50 -3.48 -5.29
CA PHE A 53 11.16 -3.97 -6.50
C PHE A 53 10.30 -5.02 -7.21
N ASP A 54 9.79 -6.00 -6.46
CA ASP A 54 8.96 -7.03 -7.07
C ASP A 54 7.70 -6.43 -7.69
N ALA A 55 7.07 -5.49 -6.98
CA ALA A 55 5.83 -4.89 -7.50
C ALA A 55 6.09 -4.12 -8.79
N ILE A 56 7.16 -3.32 -8.81
CA ILE A 56 7.44 -2.52 -10.01
C ILE A 56 7.88 -3.41 -11.16
N ASN A 57 8.54 -4.54 -10.86
CA ASN A 57 8.87 -5.48 -11.92
C ASN A 57 7.59 -6.05 -12.55
N LYS A 58 6.65 -6.48 -11.71
CA LYS A 58 5.37 -6.95 -12.23
C LYS A 58 4.68 -5.87 -13.06
N ILE A 59 4.77 -4.61 -12.61
CA ILE A 59 4.11 -3.52 -13.33
C ILE A 59 4.74 -3.32 -14.69
N VAL A 60 6.07 -3.33 -14.75
CA VAL A 60 6.76 -3.19 -16.04
C VAL A 60 6.38 -4.31 -16.98
N ASP A 61 6.35 -5.55 -16.46
CA ASP A 61 6.00 -6.68 -17.33
C ASP A 61 4.56 -6.59 -17.82
N ALA A 62 3.65 -6.15 -16.94
CA ALA A 62 2.24 -6.01 -17.34
C ALA A 62 2.07 -4.92 -18.39
N PHE A 63 2.77 -3.79 -18.23
CA PHE A 63 2.72 -2.74 -19.23
C PHE A 63 3.25 -3.23 -20.57
N ALA A 64 4.37 -3.95 -20.54
CA ALA A 64 4.95 -4.47 -21.78
C ALA A 64 3.99 -5.44 -22.47
N GLU A 65 3.37 -6.34 -21.70
CA GLU A 65 2.43 -7.28 -22.30
C GLU A 65 1.20 -6.57 -22.85
N ASN A 66 0.69 -5.57 -22.13
CA ASN A 66 -0.40 -4.75 -22.66
C ASN A 66 -0.04 -4.14 -24.01
N ASN A 67 1.09 -3.45 -24.08
CA ASN A 67 1.46 -2.79 -25.33
C ASN A 67 1.83 -3.76 -26.43
N LYS A 68 2.22 -5.00 -26.08
CA LYS A 68 2.48 -6.00 -27.10
C LYS A 68 1.22 -6.31 -27.92
N ALA A 69 0.04 -6.20 -27.29
CA ALA A 69 -1.22 -6.41 -27.99
C ALA A 69 -1.33 -5.54 -29.23
N ASP A 70 -0.79 -4.32 -29.19
CA ASP A 70 -0.75 -3.42 -30.32
C ASP A 70 -2.16 -2.98 -30.73
N ILE A 71 -3.04 -2.79 -29.75
CA ILE A 71 -4.35 -2.21 -30.00
C ILE A 71 -4.18 -0.70 -29.91
N LYS A 72 -4.47 0.01 -31.00
CA LYS A 72 -4.12 1.42 -31.10
C LYS A 72 -4.76 2.26 -30.00
N ASP A 73 -6.01 1.98 -29.65
CA ASP A 73 -6.70 2.77 -28.63
C ASP A 73 -6.55 2.20 -27.23
N LYS A 74 -5.70 1.19 -27.03
CA LYS A 74 -5.45 0.61 -25.72
C LYS A 74 -3.93 0.51 -25.50
N LYS A 75 -3.27 1.66 -25.50
CA LYS A 75 -1.81 1.72 -25.47
C LYS A 75 -1.33 2.54 -24.27
N ILE A 76 -0.35 2.00 -23.56
CA ILE A 76 0.40 2.78 -22.58
C ILE A 76 1.34 3.71 -23.31
N SER A 77 1.31 5.00 -22.97
CA SER A 77 2.16 5.96 -23.64
C SER A 77 3.63 5.66 -23.37
N ASP A 78 4.48 6.07 -24.31
CA ASP A 78 5.91 5.87 -24.15
C ASP A 78 6.43 6.61 -22.91
N SER A 79 5.84 7.75 -22.58
CA SER A 79 6.23 8.47 -21.37
C SER A 79 5.94 7.64 -20.12
N THR A 80 4.79 6.98 -20.08
CA THR A 80 4.46 6.15 -18.93
C THR A 80 5.37 4.92 -18.86
N ILE A 81 5.69 4.33 -20.01
CA ILE A 81 6.63 3.21 -20.04
C ILE A 81 7.98 3.65 -19.48
N ALA A 82 8.46 4.82 -19.91
CA ALA A 82 9.74 5.33 -19.43
C ALA A 82 9.70 5.62 -17.94
N ALA A 83 8.58 6.17 -17.45
CA ALA A 83 8.44 6.44 -16.03
C ALA A 83 8.48 5.13 -15.23
N ALA A 84 7.83 4.09 -15.74
CA ALA A 84 7.87 2.79 -15.08
C ALA A 84 9.28 2.24 -15.05
N ASN A 85 10.02 2.36 -16.16
CA ASN A 85 11.39 1.89 -16.18
C ASN A 85 12.27 2.67 -15.20
N ASN A 86 12.05 3.97 -15.10
CA ASN A 86 12.83 4.79 -14.17
C ASN A 86 12.52 4.43 -12.71
N LEU A 87 11.24 4.18 -12.41
CA LEU A 87 10.89 3.76 -11.06
C LEU A 87 11.48 2.38 -10.75
N LYS A 88 11.54 1.50 -11.76
CA LYS A 88 12.19 0.21 -11.57
C LYS A 88 13.67 0.40 -11.24
N THR A 89 14.35 1.30 -11.97
CA THR A 89 15.75 1.58 -11.67
C THR A 89 15.92 2.12 -10.25
N LYS A 90 15.02 3.00 -9.81
CA LYS A 90 15.09 3.53 -8.45
C LYS A 90 14.93 2.42 -7.42
N ALA A 91 13.94 1.53 -7.62
CA ALA A 91 13.73 0.44 -6.69
C ALA A 91 14.93 -0.51 -6.65
N ASP A 92 15.51 -0.79 -7.81
CA ASP A 92 16.68 -1.65 -7.86
C ASP A 92 17.86 -1.01 -7.14
N ASN A 93 18.04 0.30 -7.30
CA ASN A 93 19.11 0.99 -6.60
C ASN A 93 18.90 0.98 -5.09
N ALA A 94 17.65 1.14 -4.64
CA ALA A 94 17.38 1.08 -3.21
C ALA A 94 17.69 -0.31 -2.65
N LEU A 95 17.24 -1.35 -3.34
CA LEU A 95 17.52 -2.71 -2.90
C LEU A 95 19.03 -2.98 -2.87
N LYS A 96 19.75 -2.54 -3.90
CA LYS A 96 21.20 -2.70 -3.92
C LYS A 96 21.85 -1.97 -2.75
N PHE A 97 21.39 -0.75 -2.48
CA PHE A 97 21.93 0.04 -1.38
C PHE A 97 21.79 -0.70 -0.05
N VAL A 98 20.59 -1.23 0.21
CA VAL A 98 20.38 -1.95 1.47
C VAL A 98 21.22 -3.22 1.51
N ASN A 99 21.21 -4.01 0.43
CA ASN A 99 21.97 -5.26 0.40
C ASN A 99 23.45 -5.02 0.66
N GLU A 100 24.01 -3.96 0.07
CA GLU A 100 25.44 -3.69 0.22
C GLU A 100 25.79 -3.17 1.60
N ASN A 101 24.85 -2.57 2.32
CA ASN A 101 25.14 -1.90 3.58
C ASN A 101 24.37 -2.48 4.77
N ALA A 102 23.97 -3.75 4.70
CA ALA A 102 23.12 -4.31 5.73
C ALA A 102 23.86 -4.63 7.04
N SER A 103 25.18 -4.79 6.98
CA SER A 103 25.93 -5.24 8.14
C SER A 103 25.94 -4.19 9.25
N VAL A 104 26.31 -4.64 10.46
CA VAL A 104 26.47 -3.73 11.59
C VAL A 104 27.50 -2.65 11.28
N THR A 105 28.51 -2.97 10.47
CA THR A 105 29.55 -1.99 10.15
C THR A 105 29.03 -0.92 9.20
N ASN A 106 28.23 -1.32 8.21
CA ASN A 106 27.83 -0.42 7.13
C ASN A 106 26.47 0.23 7.36
N TRP A 107 25.59 -0.37 8.16
CA TRP A 107 24.27 0.21 8.40
C TRP A 107 24.38 1.24 9.51
N THR A 108 24.85 2.43 9.13
CA THR A 108 25.05 3.53 10.05
C THR A 108 23.87 4.50 9.98
N ASP A 109 23.84 5.44 10.94
CA ASP A 109 22.79 6.45 10.95
C ASP A 109 22.78 7.27 9.66
N ASP A 110 23.97 7.63 9.15
CA ASP A 110 24.04 8.37 7.90
C ASP A 110 23.44 7.59 6.75
N ARG A 111 23.74 6.29 6.67
CA ARG A 111 23.18 5.48 5.60
C ARG A 111 21.68 5.27 5.76
N VAL A 112 21.20 5.17 7.01
CA VAL A 112 19.76 5.12 7.25
C VAL A 112 19.09 6.38 6.73
N GLN A 113 19.65 7.54 7.06
CA GLN A 113 19.07 8.80 6.59
C GLN A 113 19.12 8.90 5.07
N ASP A 114 20.22 8.46 4.47
CA ASP A 114 20.33 8.47 3.01
C ASP A 114 19.26 7.58 2.38
N PHE A 115 19.09 6.37 2.92
CA PHE A 115 18.05 5.47 2.44
C PHE A 115 16.67 6.11 2.54
N VAL A 116 16.34 6.66 3.70
CA VAL A 116 15.00 7.18 3.91
C VAL A 116 14.73 8.40 3.03
N ASN A 117 15.70 9.32 2.94
CA ASN A 117 15.43 10.59 2.27
C ASN A 117 15.64 10.51 0.76
N ASN A 118 16.48 9.60 0.28
CA ASN A 118 16.88 9.60 -1.12
C ASN A 118 16.59 8.31 -1.88
N LYS A 119 16.57 7.16 -1.21
CA LYS A 119 16.55 5.87 -1.89
C LYS A 119 15.18 5.21 -1.91
N VAL A 120 14.51 5.10 -0.76
CA VAL A 120 13.36 4.21 -0.64
C VAL A 120 12.22 4.64 -1.53
N VAL A 121 11.52 3.66 -2.09
CA VAL A 121 10.33 3.91 -2.90
C VAL A 121 9.13 4.11 -1.99
N LYS A 122 8.27 5.07 -2.35
CA LYS A 122 7.07 5.36 -1.58
C LYS A 122 5.83 4.91 -2.35
N THR A 123 4.79 4.54 -1.60
CA THR A 123 3.55 4.04 -2.19
C THR A 123 2.99 4.98 -3.25
N LYS A 124 3.05 6.29 -2.98
CA LYS A 124 2.44 7.26 -3.89
C LYS A 124 3.07 7.20 -5.28
N GLU A 125 4.37 6.93 -5.37
CA GLU A 125 5.00 6.85 -6.68
C GLU A 125 4.37 5.74 -7.53
N ILE A 126 4.20 4.55 -6.93
CA ILE A 126 3.60 3.44 -7.63
C ILE A 126 2.15 3.74 -7.98
N ASN A 127 1.42 4.36 -7.05
CA ASN A 127 0.02 4.68 -7.30
C ASN A 127 -0.14 5.71 -8.42
N ASP A 128 0.72 6.74 -8.44
CA ASP A 128 0.71 7.71 -9.53
C ASP A 128 1.01 7.04 -10.86
N LEU A 129 1.97 6.12 -10.88
CA LEU A 129 2.27 5.40 -12.12
C LEU A 129 1.04 4.62 -12.61
N LEU A 130 0.40 3.90 -11.69
CA LEU A 130 -0.76 3.09 -12.08
C LEU A 130 -1.93 3.95 -12.55
N SER A 131 -2.18 5.07 -11.87
CA SER A 131 -3.27 5.95 -12.28
C SER A 131 -2.97 6.60 -13.63
N GLN A 132 -1.71 6.96 -13.88
CA GLN A 132 -1.33 7.48 -15.19
C GLN A 132 -1.56 6.42 -16.26
N ALA A 133 -1.21 5.17 -15.98
CA ALA A 133 -1.52 4.08 -16.91
C ALA A 133 -3.01 3.98 -17.18
N LYS A 134 -3.83 4.08 -16.13
CA LYS A 134 -5.27 4.08 -16.31
C LYS A 134 -5.72 5.21 -17.24
N THR A 135 -5.15 6.40 -17.05
CA THR A 135 -5.47 7.53 -17.92
C THR A 135 -5.10 7.23 -19.38
N ASP A 136 -3.87 6.76 -19.61
CA ASP A 136 -3.45 6.42 -20.96
C ASP A 136 -4.41 5.45 -21.64
N LEU A 137 -4.95 4.51 -20.88
CA LEU A 137 -5.85 3.51 -21.42
C LEU A 137 -7.31 3.94 -21.38
N LYS A 138 -7.61 5.14 -20.88
CA LYS A 138 -8.97 5.64 -20.75
C LYS A 138 -9.86 4.64 -20.02
N LEU A 139 -9.44 4.30 -18.80
CA LEU A 139 -10.15 3.35 -17.95
C LEU A 139 -10.90 4.08 -16.85
N GLN A 140 -11.65 3.30 -16.06
CA GLN A 140 -12.33 3.79 -14.86
C GLN A 140 -13.37 4.86 -15.21
N LYS B 14 -11.53 -24.99 12.21
CA LYS B 14 -12.13 -23.68 12.49
C LYS B 14 -12.06 -22.78 11.26
N THR B 15 -13.21 -22.56 10.61
CA THR B 15 -13.32 -21.77 9.39
C THR B 15 -14.30 -20.61 9.57
N LEU B 16 -14.16 -19.60 8.71
CA LEU B 16 -15.00 -18.41 8.77
C LEU B 16 -16.32 -18.69 8.10
N THR B 17 -17.40 -18.26 8.75
CA THR B 17 -18.73 -18.25 8.19
C THR B 17 -19.09 -16.84 7.73
N THR B 18 -20.23 -16.71 7.05
CA THR B 18 -20.69 -15.38 6.66
C THR B 18 -20.94 -14.50 7.88
N LYS B 19 -21.28 -15.11 9.02
CA LYS B 19 -21.56 -14.37 10.24
C LYS B 19 -20.27 -13.82 10.83
N ASP B 20 -19.20 -14.63 10.82
CA ASP B 20 -17.92 -14.14 11.30
C ASP B 20 -17.43 -12.98 10.45
N ILE B 21 -17.55 -13.08 9.12
CA ILE B 21 -17.09 -12.02 8.25
C ILE B 21 -17.91 -10.75 8.46
N ASP B 22 -19.23 -10.90 8.60
CA ASP B 22 -20.06 -9.74 8.92
C ASP B 22 -19.69 -9.13 10.28
N ASN B 23 -19.21 -9.94 11.21
CA ASN B 23 -18.77 -9.41 12.50
C ASN B 23 -17.46 -8.63 12.41
N LEU B 24 -16.75 -8.72 11.28
CA LEU B 24 -15.50 -7.98 11.10
C LEU B 24 -15.69 -6.59 10.51
N LYS B 25 -16.90 -6.25 10.08
CA LYS B 25 -17.16 -4.96 9.46
C LYS B 25 -17.05 -3.83 10.48
N VAL B 26 -16.46 -2.72 10.06
CA VAL B 26 -16.44 -1.49 10.84
C VAL B 26 -16.72 -0.32 9.90
N GLU B 27 -17.18 0.78 10.49
CA GLU B 27 -17.39 2.02 9.75
C GLU B 27 -16.36 3.04 10.19
N ILE B 28 -15.66 3.63 9.24
CA ILE B 28 -14.69 4.69 9.49
C ILE B 28 -15.35 6.01 9.10
N LYS B 29 -15.11 7.04 9.90
CA LYS B 29 -15.68 8.36 9.60
C LYS B 29 -15.24 8.82 8.21
N ASP B 30 -16.21 9.37 7.47
CA ASP B 30 -15.93 9.88 6.13
C ASP B 30 -15.40 11.30 6.25
N PHE B 31 -14.18 11.53 5.74
CA PHE B 31 -13.49 12.80 5.85
C PHE B 31 -13.48 13.60 4.56
N THR B 32 -14.20 13.16 3.53
CA THR B 32 -14.20 13.90 2.26
C THR B 32 -14.73 15.31 2.47
N GLY B 33 -14.04 16.28 1.87
CA GLY B 33 -14.38 17.67 2.01
C GLY B 33 -13.63 18.39 3.13
N LEU B 34 -13.31 17.69 4.21
CA LEU B 34 -12.56 18.29 5.31
C LEU B 34 -11.13 18.52 4.85
N ASN B 35 -10.80 19.76 4.51
CA ASN B 35 -9.53 20.10 3.89
C ASN B 35 -8.73 21.12 4.69
N THR B 36 -9.14 21.42 5.92
CA THR B 36 -8.44 22.37 6.77
C THR B 36 -8.25 21.78 8.16
N LYS B 37 -7.27 22.33 8.88
CA LYS B 37 -7.02 21.87 10.23
C LYS B 37 -8.16 22.25 11.17
N ASP B 38 -8.90 23.32 10.84
CA ASP B 38 -10.05 23.71 11.65
C ASP B 38 -11.24 22.80 11.43
N LYS B 39 -11.27 22.06 10.32
CA LYS B 39 -12.36 21.12 10.05
C LYS B 39 -12.05 19.69 10.46
N LEU B 40 -10.77 19.35 10.63
CA LEU B 40 -10.37 18.01 11.05
C LEU B 40 -9.22 18.11 12.04
N SER B 41 -9.49 17.78 13.29
CA SER B 41 -8.45 17.76 14.31
C SER B 41 -7.61 16.50 14.18
N SER B 42 -6.35 16.61 14.61
CA SER B 42 -5.47 15.45 14.60
C SER B 42 -5.97 14.35 15.54
N ASP B 43 -6.70 14.73 16.59
CA ASP B 43 -7.26 13.73 17.49
C ASP B 43 -8.32 12.87 16.79
N ASP B 44 -9.18 13.49 15.99
CA ASP B 44 -10.20 12.74 15.26
C ASP B 44 -9.57 11.82 14.23
N ALA B 45 -8.61 12.34 13.47
CA ALA B 45 -7.87 11.53 12.51
C ALA B 45 -7.19 10.35 13.20
N LYS B 46 -6.57 10.60 14.35
CA LYS B 46 -5.89 9.54 15.10
C LYS B 46 -6.88 8.48 15.56
N GLN B 47 -8.03 8.90 16.09
CA GLN B 47 -9.02 7.93 16.56
C GLN B 47 -9.53 7.07 15.42
N GLU B 48 -9.86 7.68 14.28
CA GLU B 48 -10.39 6.90 13.17
C GLU B 48 -9.32 5.99 12.56
N SER B 49 -8.07 6.47 12.50
CA SER B 49 -6.99 5.63 11.99
C SER B 49 -6.71 4.46 12.92
N GLN B 50 -6.80 4.67 14.23
CA GLN B 50 -6.64 3.58 15.18
C GLN B 50 -7.76 2.55 15.03
N LYS B 51 -9.00 3.03 14.88
CA LYS B 51 -10.12 2.13 14.63
C LYS B 51 -9.88 1.26 13.39
N ALA B 52 -9.50 1.90 12.28
CA ALA B 52 -9.24 1.14 11.05
C ALA B 52 -8.08 0.16 11.23
N PHE B 53 -7.02 0.59 11.92
CA PHE B 53 -5.87 -0.28 12.17
C PHE B 53 -6.27 -1.52 12.94
N ASP B 54 -7.02 -1.33 14.04
CA ASP B 54 -7.45 -2.47 14.84
C ASP B 54 -8.33 -3.41 14.03
N ALA B 55 -9.26 -2.86 13.26
CA ALA B 55 -10.16 -3.70 12.47
C ALA B 55 -9.41 -4.50 11.43
N ILE B 56 -8.47 -3.86 10.73
CA ILE B 56 -7.74 -4.57 9.67
C ILE B 56 -6.79 -5.60 10.27
N ASN B 57 -6.20 -5.32 11.43
CA ASN B 57 -5.40 -6.33 12.12
CA ASN B 57 -5.40 -6.33 12.11
C ASN B 57 -6.25 -7.55 12.46
N LYS B 58 -7.45 -7.33 13.00
CA LYS B 58 -8.35 -8.43 13.31
C LYS B 58 -8.70 -9.21 12.05
N ILE B 59 -8.91 -8.51 10.93
CA ILE B 59 -9.26 -9.17 9.67
C ILE B 59 -8.11 -10.03 9.18
N VAL B 60 -6.89 -9.49 9.21
CA VAL B 60 -5.71 -10.26 8.79
C VAL B 60 -5.57 -11.52 9.62
N ASP B 61 -5.73 -11.39 10.94
CA ASP B 61 -5.60 -12.56 11.80
C ASP B 61 -6.71 -13.59 11.53
N ALA B 62 -7.93 -13.12 11.27
CA ALA B 62 -9.02 -14.03 10.97
C ALA B 62 -8.79 -14.77 9.65
N PHE B 63 -8.29 -14.06 8.63
CA PHE B 63 -7.96 -14.72 7.37
C PHE B 63 -6.88 -15.76 7.57
N ALA B 64 -5.84 -15.43 8.32
CA ALA B 64 -4.77 -16.37 8.59
C ALA B 64 -5.28 -17.61 9.31
N GLU B 65 -6.15 -17.42 10.31
CA GLU B 65 -6.70 -18.55 11.04
C GLU B 65 -7.59 -19.41 10.15
N ASN B 66 -8.41 -18.77 9.30
CA ASN B 66 -9.20 -19.53 8.34
C ASN B 66 -8.32 -20.42 7.47
N ASN B 67 -7.30 -19.83 6.83
CA ASN B 67 -6.46 -20.61 5.93
C ASN B 67 -5.58 -21.62 6.67
N LYS B 68 -5.32 -21.41 7.96
CA LYS B 68 -4.53 -22.38 8.72
C LYS B 68 -5.21 -23.73 8.79
N ALA B 69 -6.55 -23.75 8.81
CA ALA B 69 -7.28 -25.01 8.82
C ALA B 69 -6.93 -25.87 7.61
N ASP B 70 -6.65 -25.24 6.46
CA ASP B 70 -6.22 -25.94 5.24
C ASP B 70 -7.33 -26.88 4.76
N ILE B 71 -8.57 -26.42 4.90
CA ILE B 71 -9.74 -27.16 4.46
C ILE B 71 -10.02 -26.86 2.99
N LYS B 72 -10.11 -27.91 2.18
CA LYS B 72 -10.30 -27.76 0.75
C LYS B 72 -11.56 -26.94 0.47
N ASP B 73 -11.54 -26.23 -0.67
CA ASP B 73 -12.57 -25.35 -1.24
C ASP B 73 -13.07 -24.27 -0.27
N LYS B 74 -12.40 -24.10 0.87
CA LYS B 74 -12.73 -23.01 1.80
C LYS B 74 -11.44 -22.29 2.20
N LYS B 75 -10.82 -21.68 1.20
CA LYS B 75 -9.53 -21.03 1.32
C LYS B 75 -9.64 -19.57 0.86
N ILE B 76 -9.07 -18.66 1.63
CA ILE B 76 -8.86 -17.31 1.14
C ILE B 76 -7.71 -17.33 0.14
N SER B 77 -7.95 -16.76 -1.04
CA SER B 77 -6.93 -16.76 -2.09
C SER B 77 -5.71 -15.96 -1.64
N ASP B 78 -4.54 -16.33 -2.20
CA ASP B 78 -3.32 -15.60 -1.88
C ASP B 78 -3.42 -14.13 -2.27
N SER B 79 -4.13 -13.83 -3.36
CA SER B 79 -4.32 -12.43 -3.75
C SER B 79 -5.12 -11.67 -2.70
N THR B 80 -6.16 -12.28 -2.14
CA THR B 80 -6.94 -11.63 -1.10
C THR B 80 -6.12 -11.44 0.17
N ILE B 81 -5.30 -12.44 0.53
CA ILE B 81 -4.38 -12.30 1.66
C ILE B 81 -3.44 -11.13 1.45
N ALA B 82 -2.89 -11.02 0.23
CA ALA B 82 -1.98 -9.91 -0.06
C ALA B 82 -2.71 -8.57 0.00
N ALA B 83 -3.95 -8.51 -0.49
CA ALA B 83 -4.72 -7.27 -0.41
C ALA B 83 -4.96 -6.89 1.05
N ALA B 84 -5.24 -7.88 1.91
CA ALA B 84 -5.43 -7.59 3.32
C ALA B 84 -4.14 -7.06 3.95
N ASN B 85 -3.00 -7.67 3.60
CA ASN B 85 -1.72 -7.19 4.12
C ASN B 85 -1.43 -5.77 3.66
N ASN B 86 -1.74 -5.46 2.39
CA ASN B 86 -1.51 -4.10 1.89
C ASN B 86 -2.41 -3.09 2.58
N LEU B 87 -3.68 -3.45 2.81
CA LEU B 87 -4.56 -2.55 3.55
C LEU B 87 -4.08 -2.36 4.98
N LYS B 88 -3.54 -3.42 5.60
CA LYS B 88 -2.95 -3.28 6.92
C LYS B 88 -1.80 -2.30 6.92
N THR B 89 -0.89 -2.42 5.94
CA THR B 89 0.22 -1.48 5.83
C THR B 89 -0.29 -0.05 5.62
N LYS B 90 -1.34 0.12 4.81
CA LYS B 90 -1.92 1.44 4.61
C LYS B 90 -2.44 2.02 5.92
N ALA B 91 -3.15 1.20 6.70
CA ALA B 91 -3.65 1.68 8.00
C ALA B 91 -2.50 2.06 8.92
N ASP B 92 -1.43 1.24 8.93
CA ASP B 92 -0.26 1.59 9.72
CA ASP B 92 -0.24 1.57 9.70
C ASP B 92 0.33 2.93 9.29
N ASN B 93 0.44 3.15 7.99
CA ASN B 93 1.02 4.39 7.48
C ASN B 93 0.16 5.58 7.84
N ALA B 94 -1.17 5.44 7.78
CA ALA B 94 -2.06 6.54 8.15
C ALA B 94 -1.90 6.88 9.63
N LEU B 95 -1.89 5.86 10.49
CA LEU B 95 -1.71 6.10 11.92
C LEU B 95 -0.36 6.75 12.21
N LYS B 96 0.70 6.28 11.53
CA LYS B 96 2.03 6.87 11.70
C LYS B 96 2.04 8.33 11.25
N PHE B 97 1.40 8.63 10.12
CA PHE B 97 1.35 10.00 9.62
C PHE B 97 0.70 10.92 10.64
N VAL B 98 -0.46 10.50 11.18
CA VAL B 98 -1.15 11.34 12.17
C VAL B 98 -0.31 11.51 13.42
N ASN B 99 0.24 10.41 13.94
CA ASN B 99 1.07 10.49 15.14
C ASN B 99 2.26 11.42 14.93
N GLU B 100 2.90 11.36 13.76
CA GLU B 100 4.07 12.18 13.50
C GLU B 100 3.73 13.64 13.30
N ASN B 101 2.50 13.95 12.86
CA ASN B 101 2.17 15.33 12.50
C ASN B 101 1.02 15.90 13.33
N ALA B 102 0.82 15.39 14.54
CA ALA B 102 -0.34 15.77 15.33
C ALA B 102 -0.25 17.16 15.94
N SER B 103 0.96 17.71 16.11
CA SER B 103 1.14 18.95 16.84
C SER B 103 0.53 20.14 16.08
N VAL B 104 0.35 21.24 16.82
CA VAL B 104 -0.13 22.48 16.21
C VAL B 104 0.81 22.95 15.11
N THR B 105 2.11 22.67 15.24
CA THR B 105 3.06 23.12 14.24
C THR B 105 2.95 22.28 12.97
N ASN B 106 2.76 20.97 13.11
CA ASN B 106 2.83 20.06 11.97
C ASN B 106 1.49 19.74 11.35
N TRP B 107 0.38 19.86 12.09
CA TRP B 107 -0.94 19.54 11.55
C TRP B 107 -1.46 20.76 10.79
N THR B 108 -0.97 20.90 9.57
CA THR B 108 -1.33 22.01 8.69
C THR B 108 -2.41 21.59 7.71
N ASP B 109 -2.97 22.58 7.01
CA ASP B 109 -3.98 22.31 5.99
C ASP B 109 -3.45 21.36 4.92
N ASP B 110 -2.18 21.54 4.51
CA ASP B 110 -1.59 20.65 3.52
C ASP B 110 -1.56 19.21 4.02
N ARG B 111 -1.16 19.02 5.28
CA ARG B 111 -1.10 17.67 5.83
C ARG B 111 -2.50 17.09 6.04
N VAL B 112 -3.48 17.93 6.40
CA VAL B 112 -4.86 17.47 6.49
C VAL B 112 -5.34 16.96 5.14
N GLN B 113 -5.09 17.73 4.07
CA GLN B 113 -5.51 17.34 2.74
C GLN B 113 -4.78 16.06 2.29
N ASP B 114 -3.49 15.96 2.61
CA ASP B 114 -2.74 14.74 2.29
C ASP B 114 -3.34 13.53 3.00
N PHE B 115 -3.64 13.67 4.29
CA PHE B 115 -4.29 12.60 5.04
C PHE B 115 -5.62 12.20 4.41
N VAL B 116 -6.47 13.17 4.10
CA VAL B 116 -7.80 12.87 3.62
C VAL B 116 -7.74 12.20 2.24
N ASN B 117 -6.93 12.73 1.34
CA ASN B 117 -6.95 12.27 -0.04
C ASN B 117 -6.08 11.04 -0.26
N ASN B 118 -5.04 10.82 0.54
CA ASN B 118 -4.06 9.78 0.25
C ASN B 118 -3.86 8.77 1.36
N LYS B 119 -4.07 9.14 2.62
CA LYS B 119 -3.66 8.28 3.73
C LYS B 119 -4.82 7.50 4.36
N VAL B 120 -5.92 8.18 4.70
CA VAL B 120 -6.93 7.58 5.56
C VAL B 120 -7.58 6.40 4.88
N VAL B 121 -7.91 5.38 5.67
CA VAL B 121 -8.63 4.21 5.20
C VAL B 121 -10.12 4.51 5.17
N LYS B 122 -10.80 4.05 4.13
CA LYS B 122 -12.23 4.25 3.97
C LYS B 122 -12.98 2.94 4.19
N THR B 123 -14.22 3.07 4.69
CA THR B 123 -15.05 1.90 4.95
C THR B 123 -15.15 0.99 3.73
N LYS B 124 -15.23 1.60 2.53
CA LYS B 124 -15.39 0.81 1.31
C LYS B 124 -14.24 -0.17 1.10
N GLU B 125 -13.02 0.22 1.44
CA GLU B 125 -11.87 -0.68 1.28
C GLU B 125 -12.05 -1.94 2.13
N ILE B 126 -12.41 -1.75 3.40
CA ILE B 126 -12.60 -2.88 4.30
C ILE B 126 -13.76 -3.75 3.83
N ASN B 127 -14.86 -3.12 3.41
CA ASN B 127 -16.01 -3.89 2.96
C ASN B 127 -15.72 -4.67 1.69
N ASP B 128 -15.01 -4.06 0.74
CA ASP B 128 -14.60 -4.77 -0.47
C ASP B 128 -13.70 -5.96 -0.13
N LEU B 129 -12.77 -5.77 0.81
CA LEU B 129 -11.91 -6.88 1.22
C LEU B 129 -12.74 -8.02 1.80
N LEU B 130 -13.68 -7.70 2.70
CA LEU B 130 -14.49 -8.74 3.32
C LEU B 130 -15.39 -9.44 2.31
N SER B 131 -15.98 -8.69 1.38
CA SER B 131 -16.83 -9.31 0.37
C SER B 131 -16.03 -10.18 -0.58
N GLN B 132 -14.80 -9.77 -0.92
CA GLN B 132 -13.92 -10.61 -1.71
C GLN B 132 -13.59 -11.91 -0.97
N ALA B 133 -13.34 -11.81 0.35
CA ALA B 133 -13.15 -13.02 1.14
C ALA B 133 -14.37 -13.92 1.08
N LYS B 134 -15.57 -13.34 1.19
CA LYS B 134 -16.80 -14.11 1.06
C LYS B 134 -16.84 -14.83 -0.28
N THR B 135 -16.47 -14.14 -1.36
CA THR B 135 -16.45 -14.75 -2.69
C THR B 135 -15.48 -15.93 -2.73
N ASP B 136 -14.24 -15.72 -2.26
CA ASP B 136 -13.25 -16.78 -2.25
C ASP B 136 -13.76 -18.03 -1.53
N LEU B 137 -14.54 -17.85 -0.47
CA LEU B 137 -15.06 -18.96 0.30
C LEU B 137 -16.40 -19.46 -0.22
N LYS B 138 -16.92 -18.85 -1.27
CA LYS B 138 -18.22 -19.21 -1.86
C LYS B 138 -19.31 -19.27 -0.78
N LEU B 139 -19.45 -18.15 -0.06
CA LEU B 139 -20.48 -18.03 0.96
C LEU B 139 -21.60 -17.12 0.51
#